data_8S16
#
_entry.id   8S16
#
_cell.length_a   87.230
_cell.length_b   90.140
_cell.length_c   90.860
_cell.angle_alpha   90.000
_cell.angle_beta   90.000
_cell.angle_gamma   90.000
#
_symmetry.space_group_name_H-M   'P 21 21 21'
#
loop_
_entity.id
_entity.type
_entity.pdbx_description
1 polymer 'Mast/stem cell growth factor receptor Kit'
2 non-polymer 4-(4-METHYL-PIPERAZIN-1-YLMETHYL)-N-[4-METHYL-3-(4-PYRIDIN-3-YL-PYRIMIDIN-2-YLAMINO)-PHENYL]-BENZAMIDE
3 non-polymer 'CHLORIDE ION'
4 water water
#
_entity_poly.entity_id   1
_entity_poly.type   'polypeptide(L)'
_entity_poly.pdbx_seq_one_letter_code
;GSMPMYEVQWKVVEESNGNNYSYIDPTQLPYDHKWEFPRNRLSFGKTLGAGAFGKVVEATAQGLIKSDAAMTVAVKMLKP
SAHSTEREALMSELKVLSYLGNHENIVNLLGACTHGGPTLVITEYCCYGDLLNFLRRKRDEFVPYKVAPEDLYKDFLTLE
HLLSFSYQVAKGMAFLASKNCIHRDLAARNILLTHGNITKICDFGLARDIKNDSNYVDKGNARLPVKWMAPESIFNSVYT
FESDVWSYGIFLWELFSLGSSPYPGMPVDSKFYKMIKEGFRMSSPEYAPAEMYDIMKTCWDADPDKRPTFKQIVQDIEKQ
ISESTNH
;
_entity_poly.pdbx_strand_id   A,B
#
# COMPACT_ATOMS: atom_id res chain seq x y z
N ASN A 19 5.37 -36.46 -1.50
CA ASN A 19 6.17 -35.25 -1.73
C ASN A 19 5.27 -34.11 -2.20
N ASN A 20 5.63 -32.87 -1.87
CA ASN A 20 4.76 -31.75 -2.17
C ASN A 20 5.14 -31.02 -3.46
N TYR A 21 6.08 -31.55 -4.23
CA TYR A 21 6.51 -30.93 -5.49
C TYR A 21 6.18 -31.86 -6.66
N SER A 22 5.11 -31.54 -7.39
CA SER A 22 4.63 -32.45 -8.44
C SER A 22 5.70 -32.68 -9.51
N TYR A 23 6.35 -31.61 -9.97
CA TYR A 23 7.20 -31.66 -11.16
C TYR A 23 8.61 -31.17 -10.89
N ILE A 24 8.78 -30.04 -10.22
CA ILE A 24 10.12 -29.55 -9.97
C ILE A 24 10.72 -30.33 -8.81
N ASP A 25 12.05 -30.29 -8.72
CA ASP A 25 12.80 -30.98 -7.68
C ASP A 25 13.65 -29.98 -6.93
N PRO A 26 13.16 -29.44 -5.80
CA PRO A 26 13.90 -28.37 -5.11
C PRO A 26 15.24 -28.81 -4.53
N THR A 27 15.48 -30.11 -4.42
CA THR A 27 16.78 -30.55 -3.92
C THR A 27 17.88 -30.33 -4.95
N GLN A 28 17.51 -30.11 -6.22
CA GLN A 28 18.44 -29.81 -7.29
C GLN A 28 18.43 -28.33 -7.68
N LEU A 29 17.68 -27.51 -6.95
CA LEU A 29 17.60 -26.09 -7.26
C LEU A 29 18.55 -25.32 -6.38
N PRO A 30 19.35 -24.42 -6.92
CA PRO A 30 20.39 -23.77 -6.11
C PRO A 30 19.87 -22.52 -5.41
N TYR A 31 20.22 -22.36 -4.15
CA TYR A 31 19.93 -21.12 -3.46
C TYR A 31 20.93 -20.06 -3.91
N ASP A 32 20.45 -19.03 -4.59
CA ASP A 32 21.32 -17.98 -5.10
C ASP A 32 21.75 -17.07 -3.94
N HIS A 33 23.05 -17.02 -3.67
CA HIS A 33 23.55 -16.25 -2.54
CA HIS A 33 23.56 -16.24 -2.55
C HIS A 33 23.37 -14.75 -2.73
N LYS A 34 22.97 -14.29 -3.91
CA LYS A 34 22.66 -12.88 -4.06
C LYS A 34 21.54 -12.45 -3.11
N TRP A 35 20.69 -13.39 -2.67
CA TRP A 35 19.59 -13.06 -1.76
C TRP A 35 20.06 -12.83 -0.32
N GLU A 36 21.26 -13.27 0.03
CA GLU A 36 21.64 -13.33 1.45
C GLU A 36 21.69 -11.95 2.08
N PHE A 37 21.09 -11.83 3.27
CA PHE A 37 20.94 -10.56 3.98
C PHE A 37 21.32 -10.73 5.44
N PRO A 38 22.01 -9.75 6.05
CA PRO A 38 22.40 -9.90 7.46
C PRO A 38 21.19 -9.78 8.37
N ARG A 39 20.95 -10.83 9.18
CA ARG A 39 19.74 -10.85 9.99
C ARG A 39 19.74 -9.74 11.05
N ASN A 40 20.92 -9.29 11.48
CA ASN A 40 20.95 -8.24 12.51
C ASN A 40 20.46 -6.90 11.97
N ARG A 41 20.26 -6.77 10.66
CA ARG A 41 19.70 -5.56 10.08
C ARG A 41 18.18 -5.60 9.98
N LEU A 42 17.55 -6.64 10.54
CA LEU A 42 16.10 -6.74 10.63
C LEU A 42 15.64 -6.36 12.03
N SER A 43 14.51 -5.68 12.12
CA SER A 43 13.89 -5.36 13.40
C SER A 43 12.44 -5.84 13.35
N PHE A 44 12.13 -6.89 14.12
CA PHE A 44 10.83 -7.55 14.02
C PHE A 44 9.73 -6.77 14.73
N GLY A 45 8.55 -6.78 14.12
CA GLY A 45 7.38 -6.14 14.68
C GLY A 45 6.24 -7.10 14.88
N LYS A 46 5.03 -6.68 14.49
CA LYS A 46 3.84 -7.46 14.76
C LYS A 46 3.77 -8.73 13.89
N THR A 47 3.08 -9.74 14.41
CA THR A 47 2.84 -10.96 13.67
C THR A 47 1.73 -10.75 12.64
N LEU A 48 2.00 -11.10 11.39
CA LEU A 48 1.01 -10.99 10.32
C LEU A 48 0.22 -12.27 10.12
N GLY A 49 0.77 -13.41 10.52
CA GLY A 49 0.05 -14.67 10.46
C GLY A 49 0.90 -15.71 11.15
N ALA A 50 0.29 -16.64 11.88
CA ALA A 50 1.04 -17.68 12.57
C ALA A 50 0.28 -18.99 12.50
N GLY A 51 1.02 -20.08 12.23
CA GLY A 51 0.51 -21.42 12.37
C GLY A 51 1.17 -22.17 13.51
N ALA A 52 0.96 -23.49 13.53
CA ALA A 52 1.52 -24.30 14.61
C ALA A 52 3.04 -24.19 14.67
N PHE A 53 3.69 -24.16 13.52
CA PHE A 53 5.15 -24.27 13.43
C PHE A 53 5.86 -23.07 12.84
N GLY A 54 5.15 -22.15 12.18
CA GLY A 54 5.78 -21.04 11.52
C GLY A 54 4.98 -19.76 11.69
N LYS A 55 5.63 -18.64 11.36
CA LYS A 55 4.98 -17.35 11.43
C LYS A 55 5.61 -16.41 10.41
N VAL A 56 4.82 -15.39 10.05
CA VAL A 56 5.29 -14.26 9.24
C VAL A 56 5.10 -13.01 10.09
N VAL A 57 6.16 -12.21 10.19
CA VAL A 57 6.11 -10.98 10.97
C VAL A 57 6.44 -9.79 10.07
N GLU A 58 5.88 -8.64 10.42
CA GLU A 58 6.33 -7.39 9.85
C GLU A 58 7.71 -7.07 10.42
N ALA A 59 8.55 -6.41 9.62
CA ALA A 59 9.88 -6.03 10.07
C ALA A 59 10.33 -4.78 9.32
N THR A 60 11.32 -4.11 9.89
CA THR A 60 12.03 -3.06 9.20
C THR A 60 13.42 -3.59 8.86
N ALA A 61 13.84 -3.37 7.61
CA ALA A 61 15.14 -3.82 7.13
C ALA A 61 15.99 -2.58 6.86
N GLN A 62 17.17 -2.53 7.47
CA GLN A 62 18.11 -1.44 7.29
C GLN A 62 19.15 -1.82 6.26
N GLY A 63 19.44 -0.91 5.33
CA GLY A 63 20.45 -1.18 4.33
C GLY A 63 20.05 -2.19 3.29
N LEU A 64 18.76 -2.54 3.21
CA LEU A 64 18.29 -3.33 2.07
C LEU A 64 18.31 -2.48 0.80
N ILE A 65 18.09 -1.18 0.92
CA ILE A 65 18.15 -0.26 -0.20
C ILE A 65 19.56 0.31 -0.29
N LYS A 66 20.05 0.51 -1.52
CA LYS A 66 21.43 0.89 -1.75
C LYS A 66 21.80 2.20 -1.08
N SER A 67 20.85 3.13 -0.95
CA SER A 67 21.10 4.43 -0.34
C SER A 67 20.89 4.44 1.17
N ASP A 68 20.77 3.26 1.79
CA ASP A 68 20.60 3.14 3.24
C ASP A 68 19.34 3.87 3.71
N ALA A 69 18.25 3.68 2.98
CA ALA A 69 16.93 4.04 3.46
C ALA A 69 16.28 2.80 4.06
N ALA A 70 15.50 3.00 5.13
CA ALA A 70 14.81 1.88 5.76
C ALA A 70 13.59 1.47 4.96
N MET A 71 13.21 0.20 5.06
CA MET A 71 11.97 -0.21 4.43
C MET A 71 11.34 -1.34 5.22
N THR A 72 10.02 -1.41 5.13
CA THR A 72 9.24 -2.45 5.78
C THR A 72 9.10 -3.65 4.87
N VAL A 73 9.25 -4.83 5.46
CA VAL A 73 9.22 -6.11 4.76
C VAL A 73 8.39 -7.06 5.59
N ALA A 74 8.15 -8.25 5.04
CA ALA A 74 7.56 -9.36 5.77
C ALA A 74 8.59 -10.47 5.85
N VAL A 75 8.69 -11.11 7.01
CA VAL A 75 9.73 -12.11 7.27
C VAL A 75 9.06 -13.38 7.76
N LYS A 76 9.35 -14.50 7.09
CA LYS A 76 8.84 -15.81 7.50
C LYS A 76 9.92 -16.57 8.27
N MET A 77 9.51 -17.24 9.35
CA MET A 77 10.47 -17.95 10.20
C MET A 77 9.72 -19.06 10.93
N LEU A 78 10.47 -20.06 11.38
CA LEU A 78 9.89 -21.12 12.18
C LEU A 78 9.87 -20.74 13.66
N LYS A 79 8.92 -21.31 14.37
CA LYS A 79 8.77 -21.21 15.82
C LYS A 79 9.55 -22.32 16.50
N PRO A 80 9.86 -22.18 17.80
CA PRO A 80 10.54 -23.28 18.53
C PRO A 80 9.76 -24.59 18.53
N SER A 81 8.48 -24.57 18.18
CA SER A 81 7.68 -25.79 18.07
C SER A 81 8.05 -26.65 16.87
N ALA A 82 8.80 -26.09 15.91
CA ALA A 82 9.01 -26.75 14.62
C ALA A 82 9.96 -27.96 14.73
N HIS A 83 9.76 -28.93 13.86
CA HIS A 83 10.55 -30.16 13.83
C HIS A 83 11.42 -30.16 12.55
N SER A 84 12.20 -31.23 12.37
CA SER A 84 13.10 -31.31 11.21
C SER A 84 12.34 -31.16 9.89
N THR A 85 11.14 -31.74 9.81
CA THR A 85 10.35 -31.66 8.58
C THR A 85 10.11 -30.21 8.18
N GLU A 86 9.74 -29.37 9.16
CA GLU A 86 9.45 -27.97 8.86
C GLU A 86 10.72 -27.18 8.55
N ARG A 87 11.86 -27.53 9.17
CA ARG A 87 13.11 -26.88 8.80
C ARG A 87 13.47 -27.16 7.35
N GLU A 88 13.31 -28.41 6.91
CA GLU A 88 13.54 -28.75 5.51
C GLU A 88 12.52 -28.05 4.61
N ALA A 89 11.26 -27.98 5.05
CA ALA A 89 10.22 -27.37 4.21
C ALA A 89 10.49 -25.89 3.97
N LEU A 90 10.96 -25.18 4.98
CA LEU A 90 11.20 -23.74 4.80
C LEU A 90 12.38 -23.48 3.88
N MET A 91 13.42 -24.31 3.96
CA MET A 91 14.54 -24.19 3.02
C MET A 91 14.10 -24.54 1.60
N SER A 92 13.26 -25.57 1.45
CA SER A 92 12.72 -25.89 0.13
C SER A 92 11.90 -24.73 -0.44
N GLU A 93 11.06 -24.12 0.41
CA GLU A 93 10.27 -22.98 -0.03
C GLU A 93 11.15 -21.83 -0.50
N LEU A 94 12.21 -21.53 0.25
CA LEU A 94 13.15 -20.49 -0.16
C LEU A 94 13.79 -20.80 -1.52
N LYS A 95 14.19 -22.07 -1.71
CA LYS A 95 14.79 -22.46 -2.98
C LYS A 95 13.79 -22.29 -4.13
N VAL A 96 12.54 -22.65 -3.89
CA VAL A 96 11.52 -22.50 -4.93
C VAL A 96 11.27 -21.02 -5.26
N LEU A 97 11.20 -20.16 -4.23
CA LEU A 97 11.01 -18.73 -4.50
C LEU A 97 12.21 -18.13 -5.22
N SER A 98 13.42 -18.54 -4.85
CA SER A 98 14.61 -18.12 -5.57
C SER A 98 14.58 -18.62 -7.02
N TYR A 99 14.10 -19.85 -7.22
CA TYR A 99 14.02 -20.42 -8.56
C TYR A 99 13.01 -19.66 -9.41
N LEU A 100 11.85 -19.37 -8.83
CA LEU A 100 10.82 -18.64 -9.57
C LEU A 100 11.34 -17.28 -10.02
N GLY A 101 12.11 -16.59 -9.16
CA GLY A 101 12.64 -15.28 -9.50
C GLY A 101 11.57 -14.19 -9.44
N ASN A 102 11.95 -13.01 -9.93
CA ASN A 102 11.08 -11.83 -9.86
C ASN A 102 9.85 -12.01 -10.75
N HIS A 103 8.68 -11.63 -10.24
CA HIS A 103 7.48 -11.55 -11.08
C HIS A 103 6.44 -10.64 -10.42
N GLU A 104 5.80 -9.80 -11.24
CA GLU A 104 4.95 -8.75 -10.66
C GLU A 104 3.71 -9.30 -9.97
N ASN A 105 3.22 -10.47 -10.38
CA ASN A 105 1.99 -11.02 -9.81
C ASN A 105 2.23 -11.98 -8.66
N ILE A 106 3.50 -12.22 -8.29
CA ILE A 106 3.87 -13.09 -7.17
C ILE A 106 4.49 -12.21 -6.09
N VAL A 107 4.20 -12.50 -4.81
CA VAL A 107 4.82 -11.71 -3.74
C VAL A 107 6.34 -11.70 -3.92
N ASN A 108 6.94 -10.52 -3.80
CA ASN A 108 8.33 -10.35 -4.22
C ASN A 108 9.29 -10.80 -3.12
N LEU A 109 10.09 -11.83 -3.40
CA LEU A 109 11.24 -12.15 -2.57
C LEU A 109 12.26 -11.01 -2.62
N LEU A 110 12.73 -10.59 -1.43
CA LEU A 110 13.73 -9.54 -1.29
C LEU A 110 15.06 -10.03 -0.75
N GLY A 111 15.06 -11.07 0.07
CA GLY A 111 16.31 -11.56 0.63
C GLY A 111 16.01 -12.74 1.53
N ALA A 112 17.08 -13.27 2.13
CA ALA A 112 16.94 -14.35 3.09
C ALA A 112 18.15 -14.37 4.01
N CYS A 113 17.98 -15.01 5.16
CA CYS A 113 19.09 -15.19 6.10
C CYS A 113 19.22 -16.70 6.31
N THR A 114 20.33 -17.26 5.86
CA THR A 114 20.56 -18.68 5.98
C THR A 114 21.78 -18.99 6.84
N HIS A 115 22.74 -18.08 6.95
CA HIS A 115 23.90 -18.23 7.81
C HIS A 115 23.63 -17.62 9.17
N GLY A 116 24.32 -18.14 10.19
CA GLY A 116 24.33 -17.52 11.50
C GLY A 116 23.04 -17.63 12.27
N GLY A 117 22.14 -18.53 11.89
CA GLY A 117 20.90 -18.69 12.61
C GLY A 117 19.88 -19.46 11.79
N PRO A 118 18.66 -19.56 12.31
CA PRO A 118 17.59 -20.22 11.56
C PRO A 118 17.24 -19.46 10.28
N THR A 119 16.60 -20.18 9.38
CA THR A 119 16.24 -19.62 8.08
C THR A 119 15.19 -18.52 8.23
N LEU A 120 15.46 -17.38 7.61
CA LEU A 120 14.49 -16.30 7.48
C LEU A 120 14.30 -15.99 6.01
N VAL A 121 13.05 -15.80 5.59
CA VAL A 121 12.70 -15.51 4.21
C VAL A 121 12.00 -14.15 4.18
N ILE A 122 12.51 -13.21 3.38
CA ILE A 122 12.11 -11.81 3.42
C ILE A 122 11.41 -11.47 2.11
N THR A 123 10.17 -10.96 2.20
CA THR A 123 9.43 -10.48 1.03
C THR A 123 8.98 -9.04 1.25
N GLU A 124 8.45 -8.45 0.17
CA GLU A 124 7.81 -7.16 0.27
C GLU A 124 6.64 -7.23 1.26
N TYR A 125 6.30 -6.08 1.84
CA TYR A 125 5.11 -5.95 2.68
C TYR A 125 3.96 -5.44 1.82
N CYS A 126 2.79 -6.07 1.94
CA CYS A 126 1.65 -5.74 1.10
C CYS A 126 0.65 -4.91 1.89
N CYS A 127 0.46 -3.66 1.45
CA CYS A 127 -0.16 -2.62 2.26
C CYS A 127 -1.54 -3.03 2.80
N TYR A 128 -2.32 -3.75 2.01
CA TYR A 128 -3.71 -4.01 2.35
C TYR A 128 -3.98 -5.43 2.84
N GLY A 129 -2.95 -6.24 3.06
CA GLY A 129 -3.16 -7.54 3.68
C GLY A 129 -3.73 -8.57 2.72
N ASP A 130 -4.36 -9.60 3.28
CA ASP A 130 -4.84 -10.68 2.43
C ASP A 130 -6.18 -10.29 1.79
N LEU A 131 -6.42 -10.86 0.61
CA LEU A 131 -7.56 -10.45 -0.21
C LEU A 131 -8.89 -10.89 0.38
N LEU A 132 -8.92 -12.04 1.05
CA LEU A 132 -10.17 -12.51 1.65
C LEU A 132 -10.70 -11.50 2.67
N ASN A 133 -9.84 -11.05 3.58
CA ASN A 133 -10.32 -10.09 4.57
C ASN A 133 -10.64 -8.73 3.96
N PHE A 134 -9.90 -8.36 2.91
CA PHE A 134 -10.21 -7.13 2.17
C PHE A 134 -11.62 -7.17 1.58
N LEU A 135 -11.95 -8.26 0.88
CA LEU A 135 -13.30 -8.39 0.31
C LEU A 135 -14.37 -8.28 1.39
N ARG A 136 -14.16 -8.99 2.51
CA ARG A 136 -15.16 -8.96 3.59
C ARG A 136 -15.29 -7.56 4.17
N ARG A 137 -14.17 -6.86 4.27
CA ARG A 137 -14.13 -5.48 4.78
C ARG A 137 -14.88 -4.54 3.84
N LYS A 138 -14.82 -4.79 2.54
CA LYS A 138 -15.38 -3.90 1.54
C LYS A 138 -16.75 -4.35 1.04
N ARG A 139 -17.22 -5.53 1.48
CA ARG A 139 -18.42 -6.12 0.90
CA ARG A 139 -18.41 -6.13 0.90
C ARG A 139 -19.61 -5.19 1.01
N ASP A 140 -19.81 -4.60 2.18
CA ASP A 140 -21.04 -3.85 2.41
C ASP A 140 -21.14 -2.57 1.57
N GLU A 141 -20.03 -2.04 1.07
CA GLU A 141 -20.08 -0.82 0.27
C GLU A 141 -19.74 -1.08 -1.21
N PHE A 142 -19.73 -2.33 -1.64
CA PHE A 142 -19.45 -2.68 -3.03
C PHE A 142 -20.39 -1.95 -3.98
N VAL A 143 -19.84 -1.50 -5.11
CA VAL A 143 -20.60 -0.80 -6.14
C VAL A 143 -20.36 -1.52 -7.46
N PRO A 144 -21.39 -2.05 -8.12
CA PRO A 144 -21.17 -2.73 -9.41
C PRO A 144 -20.53 -1.84 -10.45
N TYR A 145 -21.21 -0.76 -10.83
CA TYR A 145 -20.75 0.08 -11.93
C TYR A 145 -20.75 1.53 -11.49
N LYS A 146 -19.78 2.28 -12.03
CA LYS A 146 -19.74 3.73 -11.92
C LYS A 146 -19.78 4.22 -10.47
N VAL A 147 -18.63 4.20 -9.80
CA VAL A 147 -18.54 4.88 -8.53
C VAL A 147 -18.61 6.37 -8.79
N PRO A 149 -17.23 9.49 -8.55
CA PRO A 149 -16.83 10.83 -8.97
C PRO A 149 -16.51 11.69 -7.74
N GLU A 150 -17.57 12.27 -7.16
CA GLU A 150 -17.45 12.85 -5.83
C GLU A 150 -17.22 11.77 -4.77
N ASP A 151 -17.66 10.54 -5.03
CA ASP A 151 -17.47 9.42 -4.13
C ASP A 151 -16.13 8.72 -4.30
N LEU A 152 -15.28 9.20 -5.21
CA LEU A 152 -14.05 8.47 -5.54
C LEU A 152 -13.12 8.35 -4.35
N TYR A 153 -13.16 9.33 -3.42
CA TYR A 153 -12.23 9.32 -2.30
C TYR A 153 -12.48 8.15 -1.34
N LYS A 154 -13.68 7.55 -1.35
CA LYS A 154 -14.02 6.49 -0.42
C LYS A 154 -13.39 5.15 -0.77
N ASP A 155 -12.78 5.01 -1.95
CA ASP A 155 -12.14 3.76 -2.38
C ASP A 155 -13.11 2.59 -2.28
N PHE A 156 -14.33 2.79 -2.78
CA PHE A 156 -15.28 1.69 -2.87
C PHE A 156 -14.72 0.56 -3.73
N LEU A 157 -15.04 -0.67 -3.35
CA LEU A 157 -14.76 -1.82 -4.21
C LEU A 157 -15.75 -1.83 -5.36
N THR A 158 -15.25 -2.00 -6.58
CA THR A 158 -16.09 -2.01 -7.78
C THR A 158 -15.92 -3.32 -8.55
N LEU A 159 -16.86 -3.54 -9.49
CA LEU A 159 -16.74 -4.66 -10.41
C LEU A 159 -15.45 -4.60 -11.21
N GLU A 160 -15.05 -3.39 -11.64
CA GLU A 160 -13.78 -3.23 -12.34
C GLU A 160 -12.61 -3.79 -11.52
N HIS A 161 -12.59 -3.55 -10.20
CA HIS A 161 -11.52 -4.11 -9.37
C HIS A 161 -11.55 -5.63 -9.35
N LEU A 162 -12.74 -6.22 -9.21
CA LEU A 162 -12.84 -7.68 -9.15
C LEU A 162 -12.32 -8.30 -10.44
N LEU A 163 -12.70 -7.74 -11.59
CA LEU A 163 -12.17 -8.26 -12.86
C LEU A 163 -10.65 -8.15 -12.91
N SER A 164 -10.11 -7.03 -12.45
CA SER A 164 -8.67 -6.85 -12.41
C SER A 164 -8.00 -7.88 -11.51
N PHE A 165 -8.57 -8.12 -10.32
CA PHE A 165 -8.04 -9.14 -9.43
C PHE A 165 -8.03 -10.50 -10.12
N SER A 166 -9.14 -10.86 -10.77
CA SER A 166 -9.20 -12.15 -11.45
C SER A 166 -8.11 -12.27 -12.50
N TYR A 167 -7.91 -11.20 -13.26
CA TYR A 167 -6.92 -11.17 -14.33
C TYR A 167 -5.50 -11.31 -13.77
N GLN A 168 -5.19 -10.56 -12.73
CA GLN A 168 -3.84 -10.57 -12.16
C GLN A 168 -3.52 -11.93 -11.55
N VAL A 169 -4.48 -12.54 -10.87
CA VAL A 169 -4.22 -13.85 -10.29
C VAL A 169 -4.05 -14.90 -11.38
N ALA A 170 -4.88 -14.83 -12.43
CA ALA A 170 -4.70 -15.74 -13.56
C ALA A 170 -3.32 -15.56 -14.21
N LYS A 171 -2.85 -14.32 -14.35
CA LYS A 171 -1.52 -14.11 -14.95
C LYS A 171 -0.43 -14.67 -14.06
N GLY A 172 -0.53 -14.48 -12.74
CA GLY A 172 0.45 -15.07 -11.84
C GLY A 172 0.44 -16.58 -11.87
N MET A 173 -0.75 -17.18 -11.99
CA MET A 173 -0.85 -18.63 -12.06
C MET A 173 -0.33 -19.17 -13.39
N ALA A 174 -0.54 -18.45 -14.50
CA ALA A 174 0.07 -18.88 -15.75
C ALA A 174 1.59 -18.87 -15.65
N PHE A 175 2.13 -17.90 -14.90
CA PHE A 175 3.56 -17.86 -14.66
C PHE A 175 4.01 -19.08 -13.85
N LEU A 176 3.32 -19.38 -12.75
CA LEU A 176 3.71 -20.55 -11.97
C LEU A 176 3.68 -21.81 -12.83
N ALA A 177 2.63 -21.97 -13.63
CA ALA A 177 2.55 -23.13 -14.52
C ALA A 177 3.71 -23.15 -15.49
N SER A 178 4.08 -21.98 -16.05
CA SER A 178 5.20 -21.95 -16.98
C SER A 178 6.53 -22.33 -16.31
N LYS A 179 6.57 -22.29 -14.97
CA LYS A 179 7.74 -22.73 -14.21
C LYS A 179 7.55 -24.15 -13.67
N ASN A 180 6.50 -24.84 -14.11
CA ASN A 180 6.17 -26.20 -13.70
C ASN A 180 5.88 -26.28 -12.20
N CYS A 181 5.34 -25.20 -11.66
CA CYS A 181 5.07 -25.07 -10.24
C CYS A 181 3.57 -25.19 -9.98
N ILE A 182 3.20 -26.00 -8.98
CA ILE A 182 1.80 -26.24 -8.61
C ILE A 182 1.58 -25.59 -7.26
N HIS A 183 0.61 -24.67 -7.17
CA HIS A 183 0.41 -23.96 -5.91
C HIS A 183 -0.13 -24.90 -4.84
N ARG A 184 -1.25 -25.59 -5.14
CA ARG A 184 -1.98 -26.56 -4.35
C ARG A 184 -2.87 -25.92 -3.27
N ASP A 185 -2.78 -24.62 -3.01
CA ASP A 185 -3.68 -23.98 -2.02
C ASP A 185 -4.13 -22.61 -2.53
N LEU A 186 -4.48 -22.54 -3.81
CA LEU A 186 -4.96 -21.29 -4.37
C LEU A 186 -6.33 -20.94 -3.77
N ALA A 187 -6.44 -19.73 -3.24
CA ALA A 187 -7.65 -19.28 -2.53
C ALA A 187 -7.43 -17.82 -2.17
N ALA A 188 -8.52 -17.10 -1.92
CA ALA A 188 -8.37 -15.67 -1.64
C ALA A 188 -7.51 -15.42 -0.42
N ARG A 189 -7.52 -16.34 0.57
CA ARG A 189 -6.70 -16.18 1.76
C ARG A 189 -5.20 -16.21 1.45
N ASN A 190 -4.82 -16.73 0.28
CA ASN A 190 -3.42 -16.79 -0.14
C ASN A 190 -3.12 -15.79 -1.25
N ILE A 191 -3.93 -14.75 -1.37
CA ILE A 191 -3.66 -13.63 -2.26
C ILE A 191 -3.48 -12.40 -1.38
N LEU A 192 -2.43 -11.64 -1.63
CA LEU A 192 -2.17 -10.39 -0.92
C LEU A 192 -2.50 -9.21 -1.82
N LEU A 193 -2.82 -8.08 -1.20
CA LEU A 193 -3.19 -6.88 -1.93
C LEU A 193 -2.26 -5.75 -1.53
N THR A 194 -1.70 -5.06 -2.51
CA THR A 194 -0.84 -3.94 -2.20
C THR A 194 -1.40 -2.68 -2.86
N HIS A 195 -0.59 -1.61 -2.87
CA HIS A 195 -0.99 -0.34 -3.48
C HIS A 195 -1.52 -0.54 -4.90
N GLY A 196 -2.39 0.36 -5.31
CA GLY A 196 -2.86 0.39 -6.69
C GLY A 196 -3.72 -0.78 -7.11
N ASN A 197 -4.43 -1.41 -6.17
CA ASN A 197 -5.23 -2.61 -6.43
C ASN A 197 -4.43 -3.66 -7.18
N ILE A 198 -3.21 -3.89 -6.71
CA ILE A 198 -2.31 -4.89 -7.27
C ILE A 198 -2.31 -6.10 -6.35
N THR A 199 -2.58 -7.28 -6.90
CA THR A 199 -2.58 -8.52 -6.15
C THR A 199 -1.21 -9.20 -6.24
N LYS A 200 -0.94 -10.03 -5.24
CA LYS A 200 0.30 -10.80 -5.18
C LYS A 200 -0.06 -12.19 -4.69
N ILE A 201 0.16 -13.21 -5.53
CA ILE A 201 -0.02 -14.58 -5.07
C ILE A 201 1.02 -14.88 -4.00
N CYS A 202 0.58 -15.48 -2.90
CA CYS A 202 1.52 -15.93 -1.87
C CYS A 202 1.10 -17.34 -1.44
N ASP A 203 1.79 -17.86 -0.42
CA ASP A 203 1.37 -19.12 0.20
C ASP A 203 1.75 -19.00 1.66
N PHE A 204 0.77 -18.86 2.55
CA PHE A 204 1.11 -18.74 3.97
C PHE A 204 1.73 -20.03 4.47
N GLY A 205 1.20 -21.17 4.02
CA GLY A 205 1.80 -22.45 4.38
C GLY A 205 1.80 -22.68 5.88
N LEU A 206 3.00 -22.92 6.42
CA LEU A 206 3.14 -23.17 7.84
C LEU A 206 2.79 -21.96 8.70
N ALA A 207 2.66 -20.77 8.11
CA ALA A 207 2.32 -19.57 8.85
C ALA A 207 0.80 -19.34 8.91
N ARG A 208 0.02 -20.36 8.56
CA ARG A 208 -1.43 -20.35 8.77
C ARG A 208 -1.80 -21.44 9.79
N ASP A 209 -2.67 -21.09 10.74
CA ASP A 209 -3.14 -22.05 11.74
C ASP A 209 -4.24 -22.89 11.11
N ILE A 210 -3.83 -23.90 10.33
CA ILE A 210 -4.82 -24.74 9.65
C ILE A 210 -5.52 -25.67 10.64
N LYS A 211 -4.90 -25.94 11.79
CA LYS A 211 -5.54 -26.74 12.83
C LYS A 211 -6.87 -26.12 13.25
N ASN A 212 -6.94 -24.79 13.30
CA ASN A 212 -8.10 -24.09 13.82
C ASN A 212 -8.84 -23.28 12.75
N ASP A 213 -8.55 -23.54 11.48
CA ASP A 213 -9.18 -22.82 10.36
C ASP A 213 -10.25 -23.73 9.77
N SER A 214 -11.52 -23.30 9.84
CA SER A 214 -12.62 -24.13 9.38
C SER A 214 -12.62 -24.31 7.87
N ASN A 215 -11.76 -23.62 7.13
CA ASN A 215 -11.63 -23.85 5.70
C ASN A 215 -10.72 -25.03 5.38
N TYR A 216 -10.09 -25.61 6.38
CA TYR A 216 -9.31 -26.84 6.23
C TYR A 216 -10.03 -27.94 6.98
N VAL A 217 -10.05 -29.15 6.40
CA VAL A 217 -10.86 -30.25 6.89
C VAL A 217 -9.97 -31.46 7.12
N ASP A 218 -10.21 -32.17 8.21
CA ASP A 218 -9.52 -33.44 8.45
C ASP A 218 -9.84 -34.42 7.35
N LYS A 219 -8.80 -34.89 6.66
CA LYS A 219 -8.95 -35.98 5.71
C LYS A 219 -7.74 -36.90 5.86
N GLY A 220 -7.97 -38.12 6.29
CA GLY A 220 -6.84 -38.98 6.63
C GLY A 220 -6.05 -38.37 7.75
N ASN A 221 -4.73 -38.29 7.56
CA ASN A 221 -3.85 -37.71 8.57
C ASN A 221 -3.50 -36.26 8.25
N ALA A 222 -4.29 -35.61 7.40
CA ALA A 222 -3.99 -34.26 6.95
C ALA A 222 -5.18 -33.34 7.20
N ARG A 223 -4.91 -32.04 7.15
CA ARG A 223 -5.90 -30.97 7.21
C ARG A 223 -5.82 -30.26 5.87
N LEU A 224 -6.84 -30.42 5.03
CA LEU A 224 -6.74 -30.00 3.65
C LEU A 224 -7.86 -29.04 3.28
N PRO A 225 -7.60 -28.13 2.34
CA PRO A 225 -8.63 -27.16 1.90
C PRO A 225 -9.62 -27.78 0.93
N VAL A 226 -10.45 -28.69 1.44
CA VAL A 226 -11.21 -29.60 0.59
C VAL A 226 -12.15 -28.84 -0.35
N LYS A 227 -12.77 -27.75 0.13
CA LYS A 227 -13.75 -27.07 -0.73
C LYS A 227 -13.12 -26.37 -1.93
N TRP A 228 -11.80 -26.21 -1.94
CA TRP A 228 -11.06 -25.65 -3.07
C TRP A 228 -10.42 -26.72 -3.95
N MET A 229 -10.51 -27.99 -3.59
CA MET A 229 -9.71 -29.03 -4.23
C MET A 229 -10.44 -29.74 -5.36
N ALA A 230 -9.70 -29.99 -6.45
CA ALA A 230 -10.22 -30.80 -7.55
C ALA A 230 -10.48 -32.22 -7.08
N PRO A 231 -11.45 -32.93 -7.69
CA PRO A 231 -11.71 -34.32 -7.29
C PRO A 231 -10.50 -35.23 -7.38
N GLU A 232 -9.67 -35.09 -8.42
CA GLU A 232 -8.49 -35.95 -8.49
C GLU A 232 -7.51 -35.65 -7.36
N SER A 233 -7.50 -34.42 -6.82
CA SER A 233 -6.66 -34.11 -5.66
C SER A 233 -7.24 -34.72 -4.39
N ILE A 234 -8.56 -34.58 -4.19
CA ILE A 234 -9.21 -35.15 -3.00
C ILE A 234 -9.03 -36.66 -2.96
N PHE A 235 -9.43 -37.34 -4.03
CA PHE A 235 -9.56 -38.80 -3.99
C PHE A 235 -8.30 -39.53 -4.42
N ASN A 236 -7.41 -38.90 -5.19
CA ASN A 236 -6.23 -39.57 -5.71
C ASN A 236 -4.92 -38.85 -5.37
N SER A 237 -4.97 -37.74 -4.62
CA SER A 237 -3.77 -36.95 -4.27
C SER A 237 -2.97 -36.56 -5.51
N VAL A 238 -3.67 -36.22 -6.58
CA VAL A 238 -3.04 -35.78 -7.82
C VAL A 238 -3.08 -34.26 -7.84
N TYR A 239 -1.92 -33.64 -8.06
CA TYR A 239 -1.80 -32.20 -8.14
C TYR A 239 -1.10 -31.84 -9.45
N THR A 240 -1.75 -31.03 -10.27
CA THR A 240 -1.31 -30.76 -11.63
C THR A 240 -1.63 -29.32 -11.97
N PHE A 241 -1.21 -28.89 -13.17
CA PHE A 241 -1.68 -27.60 -13.69
C PHE A 241 -3.20 -27.54 -13.64
N GLU A 242 -3.85 -28.64 -13.97
CA GLU A 242 -5.31 -28.65 -14.13
C GLU A 242 -6.02 -28.65 -12.78
N SER A 243 -5.42 -29.27 -11.76
CA SER A 243 -6.02 -29.17 -10.44
C SER A 243 -5.93 -27.75 -9.88
N ASP A 244 -4.84 -27.00 -10.18
CA ASP A 244 -4.81 -25.60 -9.75
C ASP A 244 -5.91 -24.79 -10.42
N VAL A 245 -6.22 -25.12 -11.68
CA VAL A 245 -7.28 -24.38 -12.37
C VAL A 245 -8.63 -24.59 -11.68
N TRP A 246 -8.90 -25.81 -11.20
CA TRP A 246 -10.13 -26.01 -10.42
C TRP A 246 -10.17 -25.07 -9.22
N SER A 247 -9.06 -24.99 -8.45
CA SER A 247 -9.03 -24.11 -7.29
C SER A 247 -9.25 -22.65 -7.68
N TYR A 248 -8.68 -22.24 -8.81
CA TYR A 248 -8.90 -20.88 -9.30
C TYR A 248 -10.37 -20.61 -9.56
N GLY A 249 -11.08 -21.62 -10.08
CA GLY A 249 -12.53 -21.49 -10.21
C GLY A 249 -13.22 -21.21 -8.88
N ILE A 250 -12.82 -21.91 -7.83
CA ILE A 250 -13.40 -21.66 -6.50
C ILE A 250 -13.00 -20.27 -6.02
N PHE A 251 -11.75 -19.88 -6.26
CA PHE A 251 -11.31 -18.52 -5.95
C PHE A 251 -12.19 -17.47 -6.64
N LEU A 252 -12.54 -17.70 -7.91
CA LEU A 252 -13.46 -16.76 -8.58
C LEU A 252 -14.78 -16.66 -7.85
N TRP A 253 -15.31 -17.79 -7.38
CA TRP A 253 -16.57 -17.75 -6.64
C TRP A 253 -16.41 -16.91 -5.37
N GLU A 254 -15.30 -17.08 -4.64
CA GLU A 254 -15.06 -16.23 -3.46
C GLU A 254 -15.04 -14.77 -3.84
N LEU A 255 -14.38 -14.45 -4.95
CA LEU A 255 -14.20 -13.06 -5.35
C LEU A 255 -15.54 -12.41 -5.64
N PHE A 256 -16.36 -13.07 -6.46
CA PHE A 256 -17.62 -12.46 -6.89
C PHE A 256 -18.79 -12.73 -5.96
N SER A 257 -18.55 -13.46 -4.88
CA SER A 257 -19.45 -13.47 -3.74
C SER A 257 -19.01 -12.48 -2.66
N LEU A 258 -17.94 -11.72 -2.93
CA LEU A 258 -17.40 -10.73 -2.01
C LEU A 258 -16.92 -11.37 -0.70
N GLY A 259 -16.26 -12.52 -0.81
CA GLY A 259 -15.60 -13.11 0.33
C GLY A 259 -16.39 -14.14 1.10
N SER A 260 -17.47 -14.66 0.52
CA SER A 260 -18.23 -15.71 1.17
CA SER A 260 -18.23 -15.71 1.15
C SER A 260 -17.45 -17.02 1.10
N SER A 261 -17.73 -17.90 2.05
CA SER A 261 -17.14 -19.24 2.05
C SER A 261 -17.85 -20.12 1.03
N PRO A 262 -17.12 -20.95 0.31
CA PRO A 262 -17.74 -21.74 -0.75
C PRO A 262 -18.67 -22.82 -0.21
N TYR A 263 -19.56 -23.30 -1.09
CA TYR A 263 -20.61 -24.25 -0.76
C TYR A 263 -21.27 -23.86 0.57
N PRO A 264 -21.83 -22.65 0.67
CA PRO A 264 -22.22 -22.13 1.99
C PRO A 264 -23.23 -23.05 2.66
N GLY A 265 -22.99 -23.34 3.93
CA GLY A 265 -23.86 -24.20 4.72
C GLY A 265 -23.70 -25.68 4.49
N MET A 266 -22.81 -26.11 3.60
CA MET A 266 -22.57 -27.54 3.39
C MET A 266 -21.35 -27.96 4.18
N PRO A 267 -21.48 -28.83 5.18
CA PRO A 267 -20.28 -29.39 5.81
C PRO A 267 -19.57 -30.31 4.84
N VAL A 268 -18.26 -30.42 5.01
CA VAL A 268 -17.50 -31.40 4.23
C VAL A 268 -17.68 -32.75 4.94
N ASP A 269 -18.43 -33.64 4.30
CA ASP A 269 -18.75 -34.94 4.87
C ASP A 269 -18.97 -35.90 3.71
N SER A 270 -19.40 -37.12 4.01
CA SER A 270 -19.59 -38.10 2.95
C SER A 270 -20.55 -37.57 1.89
N LYS A 271 -21.57 -36.82 2.31
CA LYS A 271 -22.52 -36.24 1.37
C LYS A 271 -21.84 -35.22 0.45
N PHE A 272 -20.88 -34.47 0.98
CA PHE A 272 -20.16 -33.51 0.14
C PHE A 272 -19.35 -34.22 -0.94
N TYR A 273 -18.59 -35.24 -0.55
CA TYR A 273 -17.75 -35.94 -1.51
C TYR A 273 -18.59 -36.61 -2.59
N LYS A 274 -19.73 -37.21 -2.19
CA LYS A 274 -20.62 -37.82 -3.17
C LYS A 274 -21.18 -36.79 -4.14
N MET A 275 -21.56 -35.61 -3.64
CA MET A 275 -22.10 -34.58 -4.53
C MET A 275 -21.06 -34.10 -5.53
N ILE A 276 -19.81 -33.91 -5.10
CA ILE A 276 -18.76 -33.50 -6.04
C ILE A 276 -18.55 -34.57 -7.11
N LYS A 277 -18.47 -35.84 -6.69
CA LYS A 277 -18.31 -36.93 -7.63
C LYS A 277 -19.48 -37.00 -8.61
N GLU A 278 -20.70 -36.77 -8.13
CA GLU A 278 -21.88 -36.86 -8.95
C GLU A 278 -22.06 -35.68 -9.89
N GLY A 279 -21.25 -34.64 -9.75
CA GLY A 279 -21.30 -33.50 -10.64
C GLY A 279 -22.04 -32.27 -10.14
N PHE A 280 -22.44 -32.25 -8.87
CA PHE A 280 -22.99 -31.02 -8.28
C PHE A 280 -21.93 -29.92 -8.30
N ARG A 281 -22.37 -28.72 -8.66
CA ARG A 281 -21.50 -27.55 -8.70
C ARG A 281 -22.25 -26.35 -8.15
N MET A 282 -21.50 -25.39 -7.63
CA MET A 282 -22.09 -24.18 -7.09
C MET A 282 -22.78 -23.37 -8.19
N SER A 283 -23.87 -22.69 -7.82
CA SER A 283 -24.47 -21.70 -8.70
CA SER A 283 -24.46 -21.71 -8.70
C SER A 283 -23.61 -20.43 -8.69
N SER A 284 -23.94 -19.52 -9.60
CA SER A 284 -23.16 -18.29 -9.71
C SER A 284 -23.35 -17.42 -8.46
N PRO A 285 -22.29 -16.81 -7.95
CA PRO A 285 -22.45 -15.85 -6.86
C PRO A 285 -23.17 -14.59 -7.35
N GLU A 286 -23.67 -13.81 -6.39
CA GLU A 286 -24.61 -12.74 -6.70
C GLU A 286 -24.03 -11.66 -7.60
N TYR A 287 -22.72 -11.44 -7.56
CA TYR A 287 -22.10 -10.34 -8.31
C TYR A 287 -21.25 -10.80 -9.49
N ALA A 288 -21.31 -12.08 -9.85
CA ALA A 288 -20.44 -12.58 -10.92
C ALA A 288 -21.03 -12.27 -12.29
N PRO A 289 -20.31 -11.58 -13.18
CA PRO A 289 -20.77 -11.50 -14.57
C PRO A 289 -20.93 -12.90 -15.13
N ALA A 290 -21.90 -13.05 -16.04
CA ALA A 290 -22.16 -14.34 -16.65
C ALA A 290 -20.90 -14.95 -17.26
N GLU A 291 -20.09 -14.12 -17.94
CA GLU A 291 -18.89 -14.68 -18.58
C GLU A 291 -17.81 -15.09 -17.58
N MET A 292 -17.87 -14.57 -16.35
CA MET A 292 -16.95 -15.07 -15.32
C MET A 292 -17.46 -16.37 -14.72
N TYR A 293 -18.78 -16.50 -14.53
CA TYR A 293 -19.34 -17.79 -14.15
C TYR A 293 -19.06 -18.84 -15.21
N ASP A 294 -19.06 -18.45 -16.50
CA ASP A 294 -18.68 -19.38 -17.56
C ASP A 294 -17.29 -19.96 -17.30
N ILE A 295 -16.33 -19.10 -16.93
CA ILE A 295 -15.00 -19.57 -16.60
C ILE A 295 -15.06 -20.53 -15.40
N MET A 296 -15.76 -20.14 -14.33
CA MET A 296 -15.91 -21.03 -13.17
C MET A 296 -16.39 -22.42 -13.59
N LYS A 297 -17.46 -22.48 -14.39
CA LYS A 297 -18.01 -23.79 -14.76
C LYS A 297 -16.99 -24.65 -15.49
N THR A 298 -16.17 -24.04 -16.37
CA THR A 298 -15.19 -24.83 -17.11
C THR A 298 -14.03 -25.25 -16.21
N CYS A 299 -13.66 -24.41 -15.24
CA CYS A 299 -12.64 -24.79 -14.26
C CYS A 299 -13.08 -26.00 -13.43
N TRP A 300 -14.39 -26.19 -13.24
CA TRP A 300 -14.88 -27.31 -12.45
C TRP A 300 -15.30 -28.50 -13.29
N ASP A 301 -14.77 -28.64 -14.49
CA ASP A 301 -15.07 -29.84 -15.26
C ASP A 301 -14.48 -31.05 -14.56
N ALA A 302 -15.25 -32.14 -14.53
CA ALA A 302 -14.72 -33.37 -13.92
C ALA A 302 -13.52 -33.89 -14.70
N ASP A 303 -13.48 -33.64 -16.01
CA ASP A 303 -12.36 -34.06 -16.84
C ASP A 303 -11.30 -32.97 -16.80
N PRO A 304 -10.14 -33.22 -16.20
CA PRO A 304 -9.09 -32.17 -16.15
C PRO A 304 -8.70 -31.67 -17.52
N ASP A 305 -8.73 -32.52 -18.54
CA ASP A 305 -8.36 -32.09 -19.88
C ASP A 305 -9.36 -31.14 -20.51
N LYS A 306 -10.55 -31.02 -19.97
CA LYS A 306 -11.54 -30.09 -20.52
C LYS A 306 -11.53 -28.75 -19.81
N ARG A 307 -10.74 -28.58 -18.76
CA ARG A 307 -10.60 -27.29 -18.11
C ARG A 307 -9.73 -26.36 -18.96
N PRO A 308 -9.99 -25.05 -18.92
CA PRO A 308 -9.09 -24.10 -19.58
C PRO A 308 -7.73 -24.10 -18.91
N THR A 309 -6.70 -23.69 -19.65
CA THR A 309 -5.41 -23.40 -19.04
C THR A 309 -5.43 -21.99 -18.43
N PHE A 310 -4.46 -21.70 -17.56
CA PHE A 310 -4.40 -20.33 -17.02
C PHE A 310 -4.11 -19.32 -18.14
N LYS A 311 -3.28 -19.68 -19.11
CA LYS A 311 -3.04 -18.81 -20.25
C LYS A 311 -4.34 -18.48 -20.99
N GLN A 312 -5.20 -19.50 -21.18
CA GLN A 312 -6.48 -19.25 -21.85
C GLN A 312 -7.39 -18.36 -21.00
N ILE A 313 -7.39 -18.57 -19.68
CA ILE A 313 -8.17 -17.72 -18.77
C ILE A 313 -7.70 -16.26 -18.86
N VAL A 314 -6.38 -16.04 -18.89
CA VAL A 314 -5.86 -14.69 -19.03
C VAL A 314 -6.43 -14.03 -20.29
N GLN A 315 -6.41 -14.73 -21.43
CA GLN A 315 -6.88 -14.13 -22.67
C GLN A 315 -8.38 -13.85 -22.63
N ASP A 316 -9.14 -14.76 -22.02
CA ASP A 316 -10.59 -14.58 -21.86
C ASP A 316 -10.88 -13.31 -21.05
N ILE A 317 -10.27 -13.19 -19.88
CA ILE A 317 -10.58 -12.06 -19.00
C ILE A 317 -10.08 -10.75 -19.59
N GLU A 318 -8.94 -10.77 -20.29
CA GLU A 318 -8.44 -9.55 -20.92
C GLU A 318 -9.48 -9.02 -21.92
N LYS A 319 -10.13 -9.91 -22.65
CA LYS A 319 -11.18 -9.50 -23.58
C LYS A 319 -12.36 -8.91 -22.84
N GLN A 320 -12.74 -9.52 -21.70
CA GLN A 320 -13.85 -8.98 -20.91
C GLN A 320 -13.54 -7.58 -20.40
N ILE A 321 -12.29 -7.34 -19.97
CA ILE A 321 -11.90 -6.04 -19.44
C ILE A 321 -11.92 -4.99 -20.55
N SER A 322 -11.37 -5.31 -21.71
CA SER A 322 -11.38 -4.33 -22.79
C SER A 322 -12.78 -4.08 -23.34
N GLU A 323 -13.70 -5.03 -23.16
CA GLU A 323 -15.09 -4.84 -23.61
C GLU A 323 -15.92 -4.02 -22.65
N SER A 324 -15.56 -3.99 -21.36
CA SER A 324 -16.27 -3.13 -20.41
C SER A 324 -15.87 -1.67 -20.57
N THR A 325 -14.70 -1.42 -21.15
CA THR A 325 -14.19 -0.06 -21.35
C THR A 325 -14.32 0.37 -22.81
N TYR B 31 24.68 18.82 -6.83
CA TYR B 31 23.96 17.56 -7.02
C TYR B 31 24.89 16.38 -6.91
N ASP B 32 24.60 15.51 -5.94
CA ASP B 32 25.40 14.31 -5.70
C ASP B 32 25.05 13.26 -6.75
N HIS B 33 26.03 12.88 -7.58
CA HIS B 33 25.73 11.90 -8.61
C HIS B 33 25.55 10.49 -8.08
N LYS B 34 25.74 10.27 -6.77
CA LYS B 34 25.42 8.98 -6.17
C LYS B 34 23.95 8.63 -6.33
N TRP B 35 23.08 9.61 -6.57
CA TRP B 35 21.65 9.39 -6.73
C TRP B 35 21.28 8.87 -8.13
N GLU B 36 22.17 8.97 -9.11
CA GLU B 36 21.82 8.66 -10.49
C GLU B 36 21.32 7.23 -10.61
N PHE B 37 20.18 7.06 -11.28
CA PHE B 37 19.52 5.77 -11.39
C PHE B 37 19.20 5.51 -12.86
N PRO B 38 19.44 4.29 -13.35
CA PRO B 38 19.24 4.01 -14.78
C PRO B 38 17.78 4.16 -15.16
N ARG B 39 17.53 5.08 -16.09
CA ARG B 39 16.16 5.46 -16.46
C ARG B 39 15.36 4.26 -16.93
N ASN B 40 15.99 3.32 -17.64
CA ASN B 40 15.29 2.18 -18.19
C ASN B 40 14.85 1.18 -17.13
N ARG B 41 15.41 1.26 -15.93
CA ARG B 41 14.99 0.38 -14.86
C ARG B 41 13.72 0.87 -14.15
N LEU B 42 13.04 1.86 -14.71
CA LEU B 42 11.76 2.33 -14.19
C LEU B 42 10.65 1.96 -15.17
N SER B 43 9.54 1.46 -14.62
CA SER B 43 8.35 1.17 -15.40
C SER B 43 7.20 1.95 -14.76
N PHE B 44 6.67 2.92 -15.50
CA PHE B 44 5.70 3.85 -14.94
C PHE B 44 4.33 3.20 -14.83
N GLY B 45 3.56 3.64 -13.84
CA GLY B 45 2.22 3.11 -13.60
C GLY B 45 1.20 4.24 -13.48
N LYS B 46 0.34 4.11 -12.48
CA LYS B 46 -0.74 5.07 -12.32
C LYS B 46 -0.21 6.44 -11.92
N THR B 47 -0.86 7.48 -12.43
CA THR B 47 -0.50 8.85 -12.06
C THR B 47 -0.98 9.15 -10.65
N LEU B 48 -0.11 9.75 -9.84
CA LEU B 48 -0.46 10.05 -8.46
C LEU B 48 -0.87 11.50 -8.26
N GLY B 49 -0.48 12.39 -9.17
CA GLY B 49 -0.89 13.79 -9.12
C GLY B 49 -0.34 14.51 -10.33
N ALA B 50 -1.08 15.47 -10.89
CA ALA B 50 -0.59 16.19 -12.05
C ALA B 50 -1.02 17.64 -11.99
N GLY B 51 -0.10 18.53 -12.34
CA GLY B 51 -0.38 19.94 -12.50
C GLY B 51 -0.31 20.37 -13.95
N ALA B 52 -0.16 21.68 -14.15
CA ALA B 52 -0.07 22.19 -15.51
C ALA B 52 1.25 21.82 -16.17
N PHE B 53 2.33 21.82 -15.40
CA PHE B 53 3.67 21.57 -15.93
C PHE B 53 4.36 20.33 -15.37
N GLY B 54 3.81 19.68 -14.34
CA GLY B 54 4.49 18.56 -13.71
C GLY B 54 3.52 17.48 -13.27
N LYS B 55 4.08 16.31 -12.98
CA LYS B 55 3.28 15.20 -12.48
C LYS B 55 4.15 14.23 -11.71
N VAL B 56 3.48 13.42 -10.89
CA VAL B 56 4.11 12.38 -10.08
C VAL B 56 3.38 11.09 -10.38
N VAL B 57 4.12 10.05 -10.72
CA VAL B 57 3.51 8.77 -11.07
C VAL B 57 4.11 7.67 -10.21
N GLU B 58 3.34 6.61 -10.00
CA GLU B 58 3.88 5.41 -9.40
C GLU B 58 4.75 4.68 -10.43
N ALA B 59 5.73 3.93 -9.93
CA ALA B 59 6.61 3.16 -10.81
C ALA B 59 7.21 2.00 -10.03
N THR B 60 7.64 0.97 -10.76
CA THR B 60 8.44 -0.11 -10.19
C THR B 60 9.89 0.10 -10.60
N ALA B 61 10.79 0.04 -9.63
CA ALA B 61 12.21 0.30 -9.85
C ALA B 61 13.01 -0.99 -9.72
N GLN B 62 13.68 -1.38 -10.79
CA GLN B 62 14.54 -2.57 -10.78
C GLN B 62 15.94 -2.19 -10.32
N GLY B 63 16.49 -2.98 -9.40
CA GLY B 63 17.88 -2.82 -9.03
C GLY B 63 18.19 -1.81 -7.94
N LEU B 64 17.17 -1.23 -7.30
CA LEU B 64 17.44 -0.39 -6.14
C LEU B 64 17.82 -1.22 -4.93
N ILE B 65 17.30 -2.42 -4.82
CA ILE B 65 17.63 -3.34 -3.75
C ILE B 65 18.82 -4.18 -4.19
N LYS B 66 19.73 -4.46 -3.24
CA LYS B 66 20.99 -5.13 -3.58
C LYS B 66 20.77 -6.51 -4.19
N SER B 67 19.66 -7.18 -3.84
CA SER B 67 19.39 -8.52 -4.35
C SER B 67 18.78 -8.53 -5.74
N ASP B 68 18.60 -7.35 -6.35
CA ASP B 68 18.02 -7.14 -7.69
C ASP B 68 16.52 -7.33 -7.72
N ALA B 69 15.86 -7.39 -6.56
CA ALA B 69 14.42 -7.41 -6.54
C ALA B 69 13.86 -6.04 -6.90
N ALA B 70 12.61 -6.03 -7.34
CA ALA B 70 11.97 -4.77 -7.68
C ALA B 70 11.39 -4.11 -6.42
N MET B 71 11.14 -2.81 -6.52
CA MET B 71 10.36 -2.14 -5.49
C MET B 71 9.55 -1.02 -6.11
N THR B 72 8.54 -0.56 -5.37
CA THR B 72 7.66 0.50 -5.82
C THR B 72 8.19 1.85 -5.37
N VAL B 73 8.15 2.83 -6.27
CA VAL B 73 8.62 4.19 -5.99
C VAL B 73 7.63 5.20 -6.56
N ALA B 74 7.82 6.46 -6.18
CA ALA B 74 7.13 7.59 -6.76
C ALA B 74 8.14 8.39 -7.58
N VAL B 75 7.71 8.86 -8.76
CA VAL B 75 8.60 9.53 -9.69
C VAL B 75 7.96 10.85 -10.14
N LYS B 76 8.69 11.94 -10.01
CA LYS B 76 8.23 13.25 -10.46
C LYS B 76 8.93 13.62 -11.76
N MET B 77 8.18 14.29 -12.64
CA MET B 77 8.68 14.62 -13.98
C MET B 77 7.85 15.80 -14.50
N LEU B 78 8.36 16.42 -15.56
CA LEU B 78 7.68 17.57 -16.15
C LEU B 78 6.92 17.17 -17.40
N LYS B 79 5.91 17.96 -17.73
CA LYS B 79 5.08 17.77 -18.92
C LYS B 79 5.63 18.59 -20.07
N PRO B 80 5.25 18.28 -21.32
CA PRO B 80 5.79 19.04 -22.46
C PRO B 80 5.57 20.53 -22.38
N SER B 81 4.61 21.00 -21.58
CA SER B 81 4.30 22.42 -21.44
C SER B 81 5.34 23.19 -20.62
N ALA B 82 6.26 22.51 -19.94
CA ALA B 82 7.18 23.20 -19.05
C ALA B 82 8.26 23.95 -19.82
N HIS B 83 8.68 25.08 -19.25
CA HIS B 83 9.74 25.91 -19.82
C HIS B 83 11.05 25.69 -19.04
N SER B 84 12.02 26.57 -19.30
CA SER B 84 13.31 26.45 -18.62
C SER B 84 13.21 26.69 -17.12
N THR B 85 12.33 27.59 -16.69
CA THR B 85 12.21 27.88 -15.27
C THR B 85 11.65 26.70 -14.50
N GLU B 86 10.67 25.99 -15.08
CA GLU B 86 10.19 24.77 -14.45
C GLU B 86 11.24 23.67 -14.48
N ARG B 87 11.98 23.57 -15.59
CA ARG B 87 13.05 22.58 -15.65
C ARG B 87 14.11 22.84 -14.59
N GLU B 88 14.48 24.11 -14.39
CA GLU B 88 15.44 24.40 -13.34
C GLU B 88 14.81 24.31 -11.95
N ALA B 89 13.50 24.54 -11.83
CA ALA B 89 12.85 24.38 -10.54
C ALA B 89 12.87 22.92 -10.09
N LEU B 90 12.67 21.98 -11.02
CA LEU B 90 12.75 20.57 -10.65
C LEU B 90 14.15 20.21 -10.23
N MET B 91 15.17 20.74 -10.93
CA MET B 91 16.55 20.50 -10.53
C MET B 91 16.84 21.08 -9.16
N SER B 92 16.28 22.26 -8.87
CA SER B 92 16.47 22.86 -7.56
C SER B 92 15.78 22.05 -6.47
N GLU B 93 14.57 21.55 -6.74
CA GLU B 93 13.90 20.66 -5.79
C GLU B 93 14.73 19.40 -5.56
N LEU B 94 15.30 18.84 -6.63
CA LEU B 94 16.15 17.66 -6.48
C LEU B 94 17.33 17.95 -5.56
N LYS B 95 17.95 19.13 -5.71
CA LYS B 95 19.09 19.47 -4.87
C LYS B 95 18.67 19.71 -3.42
N VAL B 96 17.52 20.35 -3.20
CA VAL B 96 17.05 20.57 -1.83
C VAL B 96 16.76 19.22 -1.15
N LEU B 97 16.07 18.33 -1.84
CA LEU B 97 15.83 16.99 -1.30
C LEU B 97 17.13 16.30 -0.94
N SER B 98 18.16 16.44 -1.78
CA SER B 98 19.44 15.84 -1.47
C SER B 98 20.09 16.52 -0.27
N TYR B 99 20.00 17.85 -0.22
CA TYR B 99 20.57 18.61 0.89
C TYR B 99 19.89 18.26 2.22
N LEU B 100 18.57 18.03 2.22
CA LEU B 100 17.88 17.74 3.47
C LEU B 100 18.26 16.36 4.00
N GLY B 101 18.59 15.42 3.13
CA GLY B 101 19.00 14.10 3.58
C GLY B 101 17.82 13.27 4.06
N ASN B 102 18.14 12.12 4.63
CA ASN B 102 17.11 11.20 5.11
C ASN B 102 16.63 11.65 6.48
N HIS B 103 15.36 11.98 6.58
CA HIS B 103 14.68 12.19 7.86
C HIS B 103 13.41 11.37 7.85
N GLU B 104 13.07 10.79 9.00
CA GLU B 104 11.95 9.86 9.07
C GLU B 104 10.63 10.51 8.69
N ASN B 105 10.49 11.83 8.88
CA ASN B 105 9.21 12.51 8.67
C ASN B 105 9.21 13.42 7.46
N ILE B 106 10.15 13.23 6.55
CA ILE B 106 10.16 13.88 5.25
C ILE B 106 10.25 12.80 4.19
N VAL B 107 9.51 12.97 3.08
CA VAL B 107 9.55 11.97 2.02
C VAL B 107 11.00 11.78 1.59
N ASN B 108 11.41 10.53 1.48
CA ASN B 108 12.83 10.23 1.33
CA ASN B 108 12.83 10.21 1.33
C ASN B 108 13.20 10.10 -0.14
N LEU B 109 14.21 10.86 -0.56
CA LEU B 109 14.76 10.75 -1.89
C LEU B 109 15.46 9.41 -2.07
N LEU B 110 15.22 8.77 -3.23
CA LEU B 110 15.84 7.48 -3.55
C LEU B 110 16.76 7.52 -4.75
N GLY B 111 16.52 8.43 -5.68
CA GLY B 111 17.36 8.48 -6.86
C GLY B 111 16.87 9.56 -7.80
N ALA B 112 17.60 9.70 -8.90
CA ALA B 112 17.23 10.67 -9.92
C ALA B 112 17.84 10.22 -11.23
N CYS B 113 17.21 10.64 -12.32
CA CYS B 113 17.71 10.48 -13.67
C CYS B 113 17.94 11.86 -14.24
N THR B 114 19.20 12.21 -14.52
CA THR B 114 19.55 13.56 -14.95
C THR B 114 20.29 13.58 -16.29
N HIS B 115 20.31 12.46 -17.01
CA HIS B 115 20.86 12.40 -18.36
C HIS B 115 20.04 11.42 -19.17
N GLY B 116 20.15 11.51 -20.48
CA GLY B 116 19.43 10.62 -21.36
C GLY B 116 17.94 10.90 -21.48
N GLY B 117 17.49 12.07 -21.04
CA GLY B 117 16.10 12.44 -21.12
C GLY B 117 15.74 13.52 -20.12
N PRO B 118 14.44 13.75 -19.92
CA PRO B 118 14.01 14.72 -18.90
C PRO B 118 14.37 14.27 -17.49
N THR B 119 14.53 15.25 -16.61
CA THR B 119 14.84 14.98 -15.22
C THR B 119 13.73 14.15 -14.58
N LEU B 120 14.12 13.09 -13.88
CA LEU B 120 13.22 12.32 -13.03
C LEU B 120 13.75 12.33 -11.61
N VAL B 121 12.86 12.58 -10.65
CA VAL B 121 13.20 12.56 -9.23
C VAL B 121 12.42 11.40 -8.60
N ILE B 122 13.14 10.51 -7.92
CA ILE B 122 12.58 9.26 -7.42
C ILE B 122 12.54 9.32 -5.90
N THR B 123 11.35 9.13 -5.32
CA THR B 123 11.22 9.01 -3.88
C THR B 123 10.56 7.69 -3.51
N GLU B 124 10.55 7.43 -2.20
CA GLU B 124 9.76 6.33 -1.67
C GLU B 124 8.29 6.50 -2.02
N TYR B 125 7.59 5.38 -2.06
CA TYR B 125 6.14 5.33 -2.21
C TYR B 125 5.51 5.09 -0.83
N CYS B 126 4.41 5.79 -0.55
CA CYS B 126 3.72 5.70 0.73
C CYS B 126 2.36 5.03 0.53
N CYS B 127 2.20 3.82 1.08
CA CYS B 127 1.02 2.97 0.88
C CYS B 127 -0.31 3.72 0.90
N TYR B 128 -0.49 4.58 1.90
CA TYR B 128 -1.82 5.14 2.19
C TYR B 128 -2.07 6.47 1.49
N GLY B 129 -1.12 6.95 0.70
CA GLY B 129 -1.34 8.18 -0.06
C GLY B 129 -1.33 9.42 0.82
N ASP B 130 -2.01 10.45 0.32
CA ASP B 130 -2.01 11.72 1.04
C ASP B 130 -2.89 11.65 2.29
N LEU B 131 -2.46 12.37 3.32
CA LEU B 131 -3.11 12.26 4.63
C LEU B 131 -4.51 12.86 4.60
N LEU B 132 -4.76 13.86 3.76
CA LEU B 132 -6.09 14.47 3.70
C LEU B 132 -7.14 13.46 3.31
N ASN B 133 -6.91 12.72 2.22
CA ASN B 133 -7.92 11.78 1.76
C ASN B 133 -7.98 10.55 2.65
N PHE B 134 -6.86 10.17 3.26
CA PHE B 134 -6.87 9.12 4.27
C PHE B 134 -7.81 9.50 5.42
N LEU B 135 -7.67 10.72 5.94
CA LEU B 135 -8.53 11.17 7.03
C LEU B 135 -10.00 11.14 6.62
N ARG B 136 -10.30 11.63 5.41
CA ARG B 136 -11.69 11.65 4.96
C ARG B 136 -12.25 10.23 4.83
N ARG B 137 -11.44 9.30 4.32
CA ARG B 137 -11.85 7.91 4.23
C ARG B 137 -12.18 7.32 5.59
N LYS B 138 -11.34 7.59 6.58
CA LYS B 138 -11.46 6.96 7.88
C LYS B 138 -12.42 7.72 8.80
N ARG B 139 -13.07 8.77 8.30
CA ARG B 139 -13.79 9.69 9.19
C ARG B 139 -14.89 8.98 9.96
N ASP B 140 -15.89 8.46 9.25
CA ASP B 140 -17.07 7.99 10.00
C ASP B 140 -16.88 6.61 10.64
N GLU B 141 -15.66 6.07 10.66
CA GLU B 141 -15.32 4.91 11.47
C GLU B 141 -14.35 5.25 12.60
N PHE B 142 -14.06 6.54 12.80
CA PHE B 142 -13.14 6.97 13.84
C PHE B 142 -13.72 6.75 15.23
N VAL B 143 -12.86 6.40 16.18
CA VAL B 143 -13.24 6.37 17.60
C VAL B 143 -12.12 7.03 18.40
N PRO B 144 -12.45 7.83 19.42
CA PRO B 144 -11.39 8.47 20.22
C PRO B 144 -10.56 7.46 20.99
N TYR B 145 -11.21 6.64 21.81
CA TYR B 145 -10.50 5.65 22.61
C TYR B 145 -11.05 4.25 22.41
N PHE B 156 -8.67 0.88 12.68
CA PHE B 156 -9.56 2.01 12.93
C PHE B 156 -8.78 3.21 13.44
N LEU B 157 -9.12 4.41 12.96
CA LEU B 157 -8.39 5.60 13.32
C LEU B 157 -8.73 6.02 14.75
N THR B 158 -7.69 6.34 15.53
CA THR B 158 -7.86 6.66 16.95
C THR B 158 -7.23 8.01 17.26
N LEU B 159 -7.61 8.55 18.41
CA LEU B 159 -7.02 9.79 18.90
C LEU B 159 -5.51 9.64 19.08
N GLU B 160 -5.06 8.46 19.52
CA GLU B 160 -3.63 8.20 19.63
C GLU B 160 -2.93 8.38 18.28
N HIS B 161 -3.58 7.96 17.19
CA HIS B 161 -3.02 8.17 15.86
C HIS B 161 -2.94 9.66 15.53
N LEU B 162 -3.97 10.42 15.91
CA LEU B 162 -3.99 11.84 15.57
C LEU B 162 -2.88 12.60 16.31
N LEU B 163 -2.70 12.32 17.61
CA LEU B 163 -1.59 12.92 18.33
C LEU B 163 -0.26 12.54 17.69
N SER B 164 -0.11 11.26 17.33
CA SER B 164 1.11 10.82 16.70
C SER B 164 1.40 11.61 15.42
N PHE B 165 0.38 11.78 14.56
CA PHE B 165 0.57 12.55 13.34
C PHE B 165 0.97 13.99 13.64
N SER B 166 0.31 14.63 14.61
CA SER B 166 0.67 15.99 14.99
C SER B 166 2.14 16.05 15.40
N TYR B 167 2.56 15.09 16.22
CA TYR B 167 3.93 15.03 16.70
C TYR B 167 4.91 14.83 15.56
N GLN B 168 4.62 13.89 14.66
CA GLN B 168 5.54 13.59 13.57
C GLN B 168 5.67 14.77 12.61
N VAL B 169 4.55 15.42 12.28
CA VAL B 169 4.64 16.54 11.34
C VAL B 169 5.41 17.69 11.98
N ALA B 170 5.24 17.90 13.29
CA ALA B 170 6.00 18.94 13.98
C ALA B 170 7.49 18.62 13.99
N LYS B 171 7.85 17.35 14.18
CA LYS B 171 9.26 16.97 14.15
C LYS B 171 9.85 17.18 12.75
N GLY B 172 9.09 16.86 11.71
CA GLY B 172 9.58 17.06 10.36
C GLY B 172 9.75 18.54 10.03
N MET B 173 8.79 19.36 10.46
CA MET B 173 8.91 20.80 10.24
C MET B 173 10.05 21.38 11.07
N ALA B 174 10.23 20.88 12.30
CA ALA B 174 11.38 21.32 13.10
C ALA B 174 12.69 20.98 12.40
N PHE B 175 12.75 19.80 11.77
CA PHE B 175 13.94 19.45 10.99
C PHE B 175 14.11 20.38 9.79
N LEU B 176 13.03 20.63 9.05
CA LEU B 176 13.11 21.57 7.92
C LEU B 176 13.58 22.93 8.38
N ALA B 177 13.02 23.43 9.49
CA ALA B 177 13.43 24.74 9.99
C ALA B 177 14.89 24.73 10.42
N SER B 178 15.37 23.63 10.99
CA SER B 178 16.77 23.55 11.39
C SER B 178 17.71 23.52 10.20
N LYS B 179 17.22 23.16 9.03
CA LYS B 179 18.00 23.24 7.80
C LYS B 179 17.78 24.56 7.08
N ASN B 180 17.11 25.53 7.73
CA ASN B 180 16.85 26.86 7.19
C ASN B 180 15.92 26.83 5.98
N CYS B 181 14.99 25.88 5.98
CA CYS B 181 14.06 25.68 4.90
CA CYS B 181 14.05 25.72 4.89
C CYS B 181 12.65 26.07 5.34
N ILE B 182 11.90 26.70 4.43
CA ILE B 182 10.52 27.12 4.69
C ILE B 182 9.63 26.39 3.69
N HIS B 183 8.58 25.72 4.18
CA HIS B 183 7.78 24.88 3.31
C HIS B 183 6.97 25.72 2.33
N ARG B 184 6.12 26.60 2.86
CA ARG B 184 5.24 27.56 2.19
C ARG B 184 3.89 26.96 1.82
N ASP B 185 3.71 25.64 1.88
CA ASP B 185 2.41 25.06 1.54
C ASP B 185 2.11 23.87 2.43
N LEU B 186 2.38 24.01 3.73
CA LEU B 186 2.08 22.97 4.70
C LEU B 186 0.57 22.81 4.85
N ALA B 187 0.10 21.57 4.71
CA ALA B 187 -1.33 21.25 4.68
C ALA B 187 -1.43 19.74 4.61
N ALA B 188 -2.57 19.20 5.07
CA ALA B 188 -2.76 17.75 5.03
C ALA B 188 -2.60 17.18 3.63
N ARG B 189 -2.96 17.94 2.59
CA ARG B 189 -2.80 17.46 1.22
C ARG B 189 -1.33 17.27 0.86
N ASN B 190 -0.40 17.87 1.60
CA ASN B 190 1.03 17.73 1.34
C ASN B 190 1.71 16.83 2.37
N ILE B 191 0.95 15.95 3.02
CA ILE B 191 1.49 14.95 3.94
C ILE B 191 1.11 13.58 3.39
N LEU B 192 2.08 12.66 3.38
CA LEU B 192 1.85 11.29 2.94
C LEU B 192 1.88 10.40 4.17
N LEU B 193 1.30 9.20 4.03
CA LEU B 193 1.19 8.29 5.16
C LEU B 193 1.61 6.89 4.74
N THR B 194 2.53 6.30 5.48
CA THR B 194 2.97 4.93 5.23
C THR B 194 2.18 3.94 6.07
N HIS B 195 2.32 2.66 5.74
CA HIS B 195 2.02 1.61 6.68
C HIS B 195 2.70 1.91 8.01
N GLY B 196 2.10 1.46 9.10
CA GLY B 196 2.69 1.78 10.39
C GLY B 196 2.59 3.24 10.79
N ASN B 197 1.80 4.04 10.09
CA ASN B 197 1.34 5.34 10.59
C ASN B 197 2.48 6.33 10.78
N ILE B 198 3.45 6.32 9.86
CA ILE B 198 4.50 7.32 9.81
C ILE B 198 4.08 8.35 8.75
N THR B 199 4.04 9.62 9.14
CA THR B 199 3.73 10.69 8.21
C THR B 199 5.01 11.21 7.58
N LYS B 200 4.91 11.57 6.31
CA LYS B 200 6.07 12.09 5.57
C LYS B 200 5.65 13.39 4.91
N ILE B 201 6.27 14.49 5.32
CA ILE B 201 6.02 15.77 4.68
C ILE B 201 6.50 15.71 3.24
N CYS B 202 5.68 16.21 2.33
CA CYS B 202 6.07 16.28 0.93
CA CYS B 202 5.99 16.25 0.92
C CYS B 202 5.63 17.64 0.39
N ASP B 203 5.78 17.82 -0.91
CA ASP B 203 5.36 19.06 -1.55
C ASP B 203 5.09 18.70 -3.01
N PHE B 204 3.81 18.57 -3.37
CA PHE B 204 3.48 18.26 -4.76
C PHE B 204 3.99 19.33 -5.69
N GLY B 205 3.89 20.59 -5.28
CA GLY B 205 4.33 21.71 -6.07
C GLY B 205 3.70 21.73 -7.45
N LEU B 206 4.54 21.54 -8.47
CA LEU B 206 4.10 21.55 -9.86
C LEU B 206 3.23 20.36 -10.22
N ALA B 207 3.20 19.33 -9.38
CA ALA B 207 2.38 18.14 -9.64
C ALA B 207 1.01 18.23 -8.98
N ARG B 208 0.55 19.44 -8.65
CA ARG B 208 -0.82 19.64 -8.18
C ARG B 208 -1.52 20.65 -9.09
N ASP B 209 -2.74 20.32 -9.49
CA ASP B 209 -3.55 21.16 -10.36
C ASP B 209 -4.15 22.30 -9.54
N ILE B 210 -3.29 23.25 -9.15
CA ILE B 210 -3.79 24.35 -8.32
C ILE B 210 -4.80 25.20 -9.06
N LYS B 211 -4.88 25.08 -10.39
CA LYS B 211 -5.91 25.84 -11.12
C LYS B 211 -7.31 25.32 -10.81
N ASN B 212 -7.46 24.02 -10.58
CA ASN B 212 -8.77 23.41 -10.39
C ASN B 212 -9.03 22.98 -8.96
N ASP B 213 -8.14 23.32 -8.04
CA ASP B 213 -8.27 22.94 -6.63
C ASP B 213 -8.86 24.13 -5.88
N SER B 214 -10.06 23.94 -5.30
CA SER B 214 -10.75 25.03 -4.62
C SER B 214 -10.01 25.49 -3.37
N ASN B 215 -9.03 24.73 -2.90
CA ASN B 215 -8.26 25.16 -1.75
C ASN B 215 -7.23 26.22 -2.07
N TYR B 216 -7.04 26.51 -3.36
CA TYR B 216 -6.20 27.60 -3.82
C TYR B 216 -7.11 28.68 -4.39
N VAL B 217 -6.77 29.94 -4.13
CA VAL B 217 -7.65 31.06 -4.42
C VAL B 217 -6.88 32.08 -5.25
N ASP B 218 -7.55 32.68 -6.23
CA ASP B 218 -6.94 33.77 -6.99
C ASP B 218 -6.73 34.96 -6.08
N LYS B 219 -5.47 35.40 -5.93
CA LYS B 219 -5.17 36.62 -5.21
C LYS B 219 -4.10 37.36 -5.99
N GLY B 220 -4.45 38.52 -6.54
CA GLY B 220 -3.56 39.16 -7.50
C GLY B 220 -3.48 38.30 -8.74
N ASN B 221 -2.26 38.09 -9.23
CA ASN B 221 -2.01 37.22 -10.37
C ASN B 221 -1.60 35.81 -9.94
N ALA B 222 -1.67 35.51 -8.65
CA ALA B 222 -1.22 34.24 -8.12
C ALA B 222 -2.40 33.41 -7.62
N ARG B 223 -2.16 32.11 -7.49
CA ARG B 223 -3.15 31.13 -7.06
C ARG B 223 -2.61 30.53 -5.75
N LEU B 224 -3.19 30.94 -4.62
CA LEU B 224 -2.54 30.74 -3.32
C LEU B 224 -3.42 29.96 -2.34
N PRO B 225 -2.81 29.18 -1.40
CA PRO B 225 -3.58 28.45 -0.37
C PRO B 225 -3.99 29.34 0.80
N VAL B 226 -4.86 30.32 0.52
CA VAL B 226 -5.10 31.45 1.41
C VAL B 226 -5.57 31.00 2.79
N LYS B 227 -6.40 29.95 2.88
CA LYS B 227 -6.93 29.54 4.18
C LYS B 227 -5.87 28.92 5.08
N TRP B 228 -4.72 28.55 4.54
CA TRP B 228 -3.60 28.04 5.33
C TRP B 228 -2.53 29.10 5.60
N MET B 229 -2.68 30.31 5.07
CA MET B 229 -1.60 31.29 5.08
C MET B 229 -1.74 32.29 6.23
N ALA B 230 -0.59 32.68 6.79
CA ALA B 230 -0.60 33.69 7.83
C ALA B 230 -0.98 35.05 7.25
N PRO B 231 -1.62 35.91 8.04
CA PRO B 231 -1.98 37.25 7.53
C PRO B 231 -0.80 38.01 6.95
N GLU B 232 0.37 37.97 7.59
CA GLU B 232 1.51 38.72 7.04
C GLU B 232 1.97 38.13 5.71
N SER B 233 1.75 36.83 5.48
CA SER B 233 2.09 36.26 4.18
C SER B 233 1.08 36.69 3.11
N ILE B 234 -0.21 36.67 3.45
CA ILE B 234 -1.22 37.09 2.49
C ILE B 234 -0.98 38.51 2.04
N PHE B 235 -0.84 39.42 3.01
CA PHE B 235 -0.86 40.85 2.70
C PHE B 235 0.52 41.40 2.34
N ASN B 236 1.60 40.80 2.84
CA ASN B 236 2.93 41.28 2.54
C ASN B 236 3.73 40.33 1.65
N SER B 237 3.13 39.21 1.23
CA SER B 237 3.73 38.29 0.26
C SER B 237 5.08 37.76 0.73
N VAL B 238 5.24 37.59 2.04
CA VAL B 238 6.49 37.13 2.62
C VAL B 238 6.22 35.84 3.37
N TYR B 239 7.10 34.86 3.17
CA TYR B 239 7.03 33.58 3.87
C TYR B 239 8.23 33.50 4.82
N THR B 240 7.97 33.05 6.05
CA THR B 240 8.96 33.03 7.12
C THR B 240 8.82 31.71 7.88
N PHE B 241 9.79 31.46 8.77
CA PHE B 241 9.65 30.32 9.69
C PHE B 241 8.33 30.40 10.46
N GLU B 242 7.94 31.62 10.83
CA GLU B 242 6.73 31.84 11.63
C GLU B 242 5.46 31.65 10.80
N SER B 243 5.51 31.87 9.48
CA SER B 243 4.29 31.61 8.70
C SER B 243 4.06 30.12 8.49
N ASP B 244 5.12 29.31 8.41
CA ASP B 244 4.95 27.86 8.41
C ASP B 244 4.23 27.40 9.67
N VAL B 245 4.54 28.01 10.81
CA VAL B 245 3.90 27.63 12.06
C VAL B 245 2.41 27.94 12.02
N TRP B 246 2.03 29.12 11.52
CA TRP B 246 0.61 29.40 11.29
C TRP B 246 -0.05 28.29 10.48
N SER B 247 0.57 27.91 9.35
CA SER B 247 0.04 26.83 8.52
C SER B 247 -0.06 25.52 9.30
N TYR B 248 0.91 25.26 10.17
CA TYR B 248 0.82 24.04 10.97
C TYR B 248 -0.43 24.05 11.84
N GLY B 249 -0.77 25.21 12.40
CA GLY B 249 -1.97 25.29 13.22
C GLY B 249 -3.23 24.98 12.41
N ILE B 250 -3.28 25.46 11.16
CA ILE B 250 -4.38 25.11 10.28
C ILE B 250 -4.38 23.61 9.99
N PHE B 251 -3.19 23.04 9.72
CA PHE B 251 -3.09 21.60 9.57
C PHE B 251 -3.63 20.84 10.78
N LEU B 252 -3.30 21.28 12.01
CA LEU B 252 -3.88 20.63 13.19
C LEU B 252 -5.40 20.69 13.13
N TRP B 253 -5.96 21.81 12.69
CA TRP B 253 -7.41 21.91 12.62
C TRP B 253 -7.97 20.88 11.64
N GLU B 254 -7.35 20.75 10.46
CA GLU B 254 -7.76 19.72 9.51
C GLU B 254 -7.65 18.33 10.12
N LEU B 255 -6.55 18.09 10.82
CA LEU B 255 -6.30 16.77 11.37
C LEU B 255 -7.36 16.39 12.40
N PHE B 256 -7.60 17.26 13.38
CA PHE B 256 -8.55 16.90 14.42
C PHE B 256 -10.00 17.04 13.97
N SER B 257 -10.26 17.66 12.82
CA SER B 257 -11.57 17.64 12.20
C SER B 257 -11.73 16.48 11.21
N LEU B 258 -10.78 15.54 11.18
CA LEU B 258 -10.86 14.37 10.32
C LEU B 258 -10.98 14.78 8.85
N GLY B 259 -10.23 15.79 8.46
CA GLY B 259 -10.08 16.14 7.06
C GLY B 259 -11.05 17.18 6.52
N SER B 260 -11.82 17.83 7.39
CA SER B 260 -12.69 18.91 6.94
CA SER B 260 -12.68 18.92 6.95
C SER B 260 -11.87 20.05 6.35
N SER B 261 -12.47 20.77 5.40
CA SER B 261 -11.84 21.97 4.87
C SER B 261 -11.91 23.09 5.90
N PRO B 262 -10.88 23.92 6.02
CA PRO B 262 -10.87 24.96 7.05
C PRO B 262 -11.81 26.10 6.70
N TYR B 263 -12.12 26.90 7.73
CA TYR B 263 -13.13 27.96 7.69
C TYR B 263 -14.37 27.50 6.89
N PRO B 264 -14.99 26.37 7.28
CA PRO B 264 -16.14 25.87 6.52
C PRO B 264 -17.26 26.90 6.44
N GLY B 265 -17.94 26.91 5.29
CA GLY B 265 -19.04 27.82 5.05
C GLY B 265 -18.64 29.25 4.76
N MET B 266 -17.36 29.60 4.92
CA MET B 266 -16.93 30.98 4.76
C MET B 266 -16.19 31.13 3.43
N PRO B 267 -16.72 31.88 2.47
CA PRO B 267 -15.97 32.10 1.23
C PRO B 267 -14.78 33.00 1.45
N VAL B 268 -13.74 32.78 0.64
CA VAL B 268 -12.57 33.65 0.64
C VAL B 268 -12.92 34.85 -0.22
N ASP B 269 -13.24 35.97 0.42
CA ASP B 269 -13.57 37.22 -0.26
C ASP B 269 -12.99 38.36 0.56
N SER B 270 -13.40 39.58 0.20
CA SER B 270 -12.96 40.76 0.93
C SER B 270 -13.24 40.63 2.42
N LYS B 271 -14.45 40.18 2.78
CA LYS B 271 -14.81 40.06 4.18
C LYS B 271 -13.93 39.05 4.91
N PHE B 272 -13.50 37.98 4.21
CA PHE B 272 -12.69 36.97 4.87
C PHE B 272 -11.35 37.54 5.33
N TYR B 273 -10.66 38.24 4.44
CA TYR B 273 -9.33 38.77 4.78
C TYR B 273 -9.41 39.73 5.94
N LYS B 274 -10.44 40.58 5.95
CA LYS B 274 -10.61 41.55 7.01
C LYS B 274 -10.86 40.85 8.35
N MET B 275 -11.74 39.85 8.36
CA MET B 275 -12.04 39.17 9.62
C MET B 275 -10.79 38.53 10.22
N ILE B 276 -9.95 37.94 9.38
CA ILE B 276 -8.74 37.29 9.90
C ILE B 276 -7.78 38.33 10.47
N LYS B 277 -7.57 39.43 9.74
CA LYS B 277 -6.77 40.55 10.24
C LYS B 277 -7.21 40.99 11.62
N GLU B 278 -8.52 41.13 11.83
CA GLU B 278 -9.08 41.70 13.04
C GLU B 278 -9.38 40.64 14.10
N GLY B 279 -8.94 39.40 13.90
CA GLY B 279 -8.86 38.44 14.98
C GLY B 279 -9.78 37.23 14.90
N PHE B 280 -10.54 37.03 13.83
CA PHE B 280 -11.39 35.84 13.76
C PHE B 280 -10.53 34.58 13.74
N ARG B 281 -10.95 33.58 14.52
CA ARG B 281 -10.26 32.30 14.55
C ARG B 281 -11.27 31.17 14.65
N MET B 282 -10.97 30.05 14.00
CA MET B 282 -11.85 28.88 14.06
C MET B 282 -11.95 28.39 15.51
N SER B 283 -13.14 27.93 15.88
CA SER B 283 -13.32 27.26 17.15
C SER B 283 -12.74 25.84 17.09
N SER B 284 -12.73 25.18 18.24
CA SER B 284 -12.07 23.89 18.34
C SER B 284 -12.84 22.80 17.59
N PRO B 285 -12.14 21.93 16.85
CA PRO B 285 -12.77 20.69 16.36
C PRO B 285 -13.22 19.81 17.52
N GLU B 286 -14.15 18.91 17.21
CA GLU B 286 -14.74 18.04 18.24
C GLU B 286 -13.69 17.16 18.90
N TYR B 287 -12.76 16.62 18.13
CA TYR B 287 -11.83 15.62 18.65
C TYR B 287 -10.49 16.20 19.06
N ALA B 288 -10.32 17.51 19.00
CA ALA B 288 -9.07 18.12 19.41
C ALA B 288 -8.97 18.13 20.93
N PRO B 289 -7.96 17.51 21.53
CA PRO B 289 -7.71 17.74 22.96
C PRO B 289 -7.55 19.23 23.22
N ALA B 290 -7.92 19.65 24.43
CA ALA B 290 -7.84 21.07 24.76
C ALA B 290 -6.42 21.60 24.54
N GLU B 291 -5.40 20.83 24.95
CA GLU B 291 -4.04 21.32 24.80
C GLU B 291 -3.57 21.34 23.35
N MET B 292 -4.22 20.58 22.47
CA MET B 292 -3.90 20.69 21.04
C MET B 292 -4.58 21.89 20.43
N TYR B 293 -5.80 22.22 20.86
CA TYR B 293 -6.40 23.47 20.41
C TYR B 293 -5.64 24.66 20.96
N ASP B 294 -5.09 24.56 22.18
CA ASP B 294 -4.26 25.63 22.69
C ASP B 294 -3.07 25.91 21.76
N ILE B 295 -2.43 24.86 21.24
CA ILE B 295 -1.34 25.05 20.30
C ILE B 295 -1.83 25.76 19.04
N MET B 296 -2.96 25.30 18.50
CA MET B 296 -3.56 25.96 17.34
C MET B 296 -3.70 27.46 17.58
N LYS B 297 -4.25 27.83 18.73
CA LYS B 297 -4.50 29.25 19.01
C LYS B 297 -3.20 30.04 19.03
N THR B 298 -2.13 29.45 19.57
CA THR B 298 -0.84 30.16 19.59
C THR B 298 -0.18 30.20 18.22
N CYS B 299 -0.37 29.15 17.40
CA CYS B 299 0.11 29.21 16.02
C CYS B 299 -0.55 30.33 15.24
N TRP B 300 -1.80 30.67 15.59
CA TRP B 300 -2.54 31.72 14.91
C TRP B 300 -2.45 33.07 15.62
N ASP B 301 -1.41 33.31 16.40
CA ASP B 301 -1.24 34.63 16.96
C ASP B 301 -0.96 35.63 15.85
N ALA B 302 -1.58 36.81 15.94
CA ALA B 302 -1.33 37.84 14.93
C ALA B 302 0.12 38.29 14.94
N ASP B 303 0.77 38.27 16.11
CA ASP B 303 2.16 38.64 16.22
C ASP B 303 3.02 37.39 15.99
N PRO B 304 3.78 37.32 14.90
CA PRO B 304 4.57 36.11 14.63
C PRO B 304 5.53 35.74 15.76
N ASP B 305 6.04 36.74 16.49
CA ASP B 305 6.97 36.47 17.60
C ASP B 305 6.32 35.69 18.72
N LYS B 306 5.00 35.78 18.85
CA LYS B 306 4.32 35.09 19.93
C LYS B 306 3.90 33.68 19.54
N ARG B 307 4.09 33.29 18.29
CA ARG B 307 3.85 31.91 17.91
C ARG B 307 4.99 31.04 18.44
N PRO B 308 4.70 29.79 18.80
CA PRO B 308 5.76 28.87 19.18
C PRO B 308 6.62 28.52 17.98
N THR B 309 7.85 28.08 18.27
CA THR B 309 8.64 27.45 17.23
C THR B 309 8.26 25.99 17.11
N PHE B 310 8.64 25.36 16.00
CA PHE B 310 8.39 23.92 15.87
C PHE B 310 9.12 23.14 16.95
N LYS B 311 10.30 23.60 17.36
CA LYS B 311 11.00 22.94 18.44
C LYS B 311 10.15 22.94 19.72
N GLN B 312 9.54 24.09 20.04
CA GLN B 312 8.69 24.19 21.22
C GLN B 312 7.42 23.36 21.06
N ILE B 313 6.84 23.35 19.85
CA ILE B 313 5.67 22.52 19.61
C ILE B 313 5.99 21.04 19.84
N VAL B 314 7.15 20.59 19.35
CA VAL B 314 7.55 19.19 19.56
C VAL B 314 7.63 18.86 21.05
N GLN B 315 8.25 19.75 21.84
CA GLN B 315 8.39 19.47 23.27
C GLN B 315 7.03 19.44 23.96
N ASP B 316 6.16 20.36 23.57
CA ASP B 316 4.78 20.41 24.08
C ASP B 316 4.05 19.10 23.81
N ILE B 317 3.97 18.70 22.54
CA ILE B 317 3.24 17.50 22.15
C ILE B 317 3.86 16.26 22.78
N GLU B 318 5.19 16.23 22.82
CA GLU B 318 5.90 15.14 23.48
C GLU B 318 5.41 14.95 24.90
N LYS B 319 5.24 16.05 25.62
CA LYS B 319 4.76 15.97 27.01
C LYS B 319 3.30 15.53 27.07
N GLN B 320 2.47 15.95 26.10
CA GLN B 320 1.07 15.50 26.06
C GLN B 320 0.99 14.01 25.78
N ILE B 321 1.85 13.50 24.90
CA ILE B 321 1.88 12.07 24.63
C ILE B 321 2.32 11.30 25.87
N SER B 322 3.34 11.79 26.57
CA SER B 322 3.82 11.12 27.77
C SER B 322 2.77 11.10 28.86
N GLU B 323 2.05 12.22 29.03
CA GLU B 323 1.00 12.29 30.05
C GLU B 323 -0.08 11.24 29.80
N SER B 324 -0.43 11.02 28.54
CA SER B 324 -1.46 10.05 28.20
C SER B 324 -0.88 8.65 28.00
#